data_1I2W
#
_entry.id   1I2W
#
_cell.length_a   47.344
_cell.length_b   106.372
_cell.length_c   63.873
_cell.angle_alpha   90.00
_cell.angle_beta   94.18
_cell.angle_gamma   90.00
#
_symmetry.space_group_name_H-M   'P 1 21 1'
#
loop_
_entity.id
_entity.type
_entity.pdbx_description
1 polymer BETA-LACTAMASE
2 non-polymer '(2R)-5-[(carbamoyloxy)methyl]-2-{(1S)-1-methoxy-2-oxo-1-[(thiophen-2-ylacetyl)amino]ethyl}-3,6-dihydro-2H-1,3-thiazine-4-carboxylic acid'
3 non-polymer 'CARBAMIC ACID'
4 water water
#
_entity_poly.entity_id   1
_entity_poly.type   'polypeptide(L)'
_entity_poly.pdbx_seq_one_letter_code
;GCANNQTNASQPAEKNEKTEMKDDFAKLEEQFDAKLGIFALDTGTNRTVTYRPDERFAFASTIKALTVGVLLQQKSIEDL
NQRITYTRDDLVNYNPITEKHVDTGMTLKELADASLRYSDNTAQNLILKQIGGPESLKKELRKIGDEVTNPERFEPELNE
VNPGETQDTSTARALATSLQAFALEDKLPSEKRELLIDWMKRNTTGDALIRAGVPEGWEVADKTGAGSYGTRNDIAIIWP
PKGDPVVLAVLSSRDKKDAKYDDKLIAEATKVVLKALNMNGK
;
_entity_poly.pdbx_strand_id   A,B
#
# COMPACT_ATOMS: atom_id res chain seq x y z
N ASP A 23 -23.29 7.29 1.85
CA ASP A 23 -24.49 7.81 1.14
C ASP A 23 -24.24 9.16 0.47
N ASP A 24 -23.04 9.71 0.69
CA ASP A 24 -22.68 10.96 0.05
C ASP A 24 -22.45 10.61 -1.41
N PHE A 25 -21.91 9.42 -1.64
CA PHE A 25 -21.65 8.96 -3.00
C PHE A 25 -22.97 8.55 -3.66
N ALA A 26 -23.84 7.89 -2.91
CA ALA A 26 -25.15 7.48 -3.43
C ALA A 26 -25.94 8.72 -3.83
N LYS A 27 -25.82 9.78 -3.04
CA LYS A 27 -26.53 11.02 -3.33
C LYS A 27 -26.05 11.60 -4.65
N LEU A 28 -24.74 11.50 -4.91
CA LEU A 28 -24.18 12.01 -6.14
C LEU A 28 -24.66 11.15 -7.31
N GLU A 29 -24.78 9.85 -7.09
CA GLU A 29 -25.25 8.96 -8.14
C GLU A 29 -26.67 9.41 -8.57
N GLU A 30 -27.51 9.74 -7.60
CA GLU A 30 -28.87 10.18 -7.88
C GLU A 30 -28.89 11.54 -8.57
N GLN A 31 -28.06 12.45 -8.07
CA GLN A 31 -27.97 13.79 -8.62
C GLN A 31 -27.49 13.84 -10.06
N PHE A 32 -26.56 12.97 -10.41
CA PHE A 32 -26.02 12.95 -11.77
C PHE A 32 -26.54 11.79 -12.56
N ASP A 33 -27.35 10.95 -11.92
CA ASP A 33 -27.91 9.79 -12.59
C ASP A 33 -26.79 9.00 -13.27
N ALA A 34 -25.81 8.60 -12.47
CA ALA A 34 -24.67 7.85 -12.95
C ALA A 34 -24.25 6.85 -11.88
N LYS A 35 -23.51 5.83 -12.29
CA LYS A 35 -22.99 4.81 -11.37
C LYS A 35 -21.58 5.30 -11.05
N LEU A 36 -21.17 5.19 -9.80
CA LEU A 36 -19.84 5.63 -9.38
C LEU A 36 -19.00 4.47 -8.89
N GLY A 37 -17.71 4.51 -9.25
CA GLY A 37 -16.75 3.50 -8.82
C GLY A 37 -15.61 4.28 -8.20
N ILE A 38 -15.31 4.03 -6.93
CA ILE A 38 -14.27 4.78 -6.24
C ILE A 38 -13.37 3.95 -5.37
N PHE A 39 -12.08 4.23 -5.45
CA PHE A 39 -11.10 3.62 -4.58
C PHE A 39 -10.00 4.65 -4.35
N ALA A 40 -9.78 4.96 -3.07
CA ALA A 40 -8.76 5.92 -2.68
C ALA A 40 -7.99 5.28 -1.53
N LEU A 41 -6.67 5.44 -1.57
CA LEU A 41 -5.82 4.90 -0.53
C LEU A 41 -4.79 5.93 -0.13
N ASP A 42 -4.75 6.23 1.17
CA ASP A 42 -3.76 7.17 1.71
C ASP A 42 -2.57 6.26 2.01
N THR A 43 -1.50 6.38 1.22
CA THR A 43 -0.34 5.54 1.40
C THR A 43 0.42 5.80 2.71
N GLY A 44 0.12 6.93 3.34
CA GLY A 44 0.77 7.24 4.58
C GLY A 44 0.12 6.56 5.78
N THR A 45 -1.18 6.28 5.68
CA THR A 45 -1.90 5.67 6.79
C THR A 45 -2.65 4.39 6.45
N ASN A 46 -2.70 4.06 5.17
CA ASN A 46 -3.42 2.88 4.73
C ASN A 46 -4.91 3.03 5.00
N ARG A 47 -5.37 4.27 5.02
CA ARG A 47 -6.79 4.52 5.20
C ARG A 47 -7.35 4.57 3.78
N THR A 48 -8.49 3.91 3.58
CA THR A 48 -9.10 3.87 2.25
C THR A 48 -10.50 4.45 2.23
N VAL A 49 -10.94 4.82 1.03
CA VAL A 49 -12.28 5.32 0.82
C VAL A 49 -12.72 4.49 -0.37
N THR A 50 -13.81 3.75 -0.21
CA THR A 50 -14.30 2.91 -1.30
C THR A 50 -15.79 3.06 -1.55
N TYR A 51 -16.19 2.78 -2.78
CA TYR A 51 -17.59 2.85 -3.18
C TYR A 51 -17.68 2.11 -4.50
N ARG A 52 -18.28 0.92 -4.48
CA ARG A 52 -18.39 0.10 -5.68
C ARG A 52 -16.96 -0.02 -6.22
N PRO A 53 -15.99 -0.28 -5.34
CA PRO A 53 -14.58 -0.40 -5.75
C PRO A 53 -14.27 -1.56 -6.66
N ASP A 54 -15.09 -2.59 -6.62
CA ASP A 54 -14.85 -3.77 -7.44
C ASP A 54 -15.85 -3.95 -8.59
N GLU A 55 -16.54 -2.88 -8.94
CA GLU A 55 -17.50 -2.96 -10.04
C GLU A 55 -16.76 -2.59 -11.31
N ARG A 56 -17.00 -3.35 -12.38
CA ARG A 56 -16.33 -3.07 -13.65
C ARG A 56 -16.90 -1.90 -14.43
N PHE A 57 -15.99 -1.14 -15.03
CA PHE A 57 -16.32 0.01 -15.86
C PHE A 57 -15.33 -0.10 -17.03
N ALA A 58 -15.72 0.40 -18.20
CA ALA A 58 -14.83 0.37 -19.34
C ALA A 58 -13.74 1.35 -18.89
N PHE A 59 -12.47 1.03 -19.12
CA PHE A 59 -11.43 1.93 -18.66
C PHE A 59 -11.14 3.10 -19.59
N ALA A 60 -11.56 2.98 -20.85
CA ALA A 60 -11.34 4.04 -21.82
C ALA A 60 -9.85 4.48 -21.87
N SER A 61 -9.60 5.78 -21.93
CA SER A 61 -8.23 6.31 -22.02
C SER A 61 -7.33 6.13 -20.81
N THR A 62 -7.90 5.75 -19.66
CA THR A 62 -7.06 5.58 -18.48
C THR A 62 -6.03 4.48 -18.72
N ILE A 63 -6.36 3.54 -19.62
CA ILE A 63 -5.44 2.46 -19.94
C ILE A 63 -4.13 2.99 -20.55
N LYS A 64 -4.14 4.23 -21.02
CA LYS A 64 -2.95 4.84 -21.61
C LYS A 64 -1.81 5.02 -20.59
N ALA A 65 -2.19 5.29 -19.34
CA ALA A 65 -1.22 5.46 -18.28
C ALA A 65 -0.52 4.12 -17.97
N LEU A 66 -1.29 3.05 -17.86
CA LEU A 66 -0.73 1.73 -17.56
C LEU A 66 0.09 1.21 -18.74
N THR A 67 -0.29 1.61 -19.94
CA THR A 67 0.43 1.21 -21.15
C THR A 67 1.84 1.80 -21.14
N VAL A 68 1.97 3.08 -20.79
CA VAL A 68 3.28 3.72 -20.74
C VAL A 68 4.08 3.08 -19.59
N GLY A 69 3.40 2.70 -18.52
CA GLY A 69 4.09 2.07 -17.41
C GLY A 69 4.80 0.83 -17.89
N VAL A 70 4.10 0.00 -18.67
CA VAL A 70 4.69 -1.23 -19.19
C VAL A 70 5.78 -0.92 -20.22
N LEU A 71 5.59 0.14 -21.00
CA LEU A 71 6.60 0.52 -22.00
C LEU A 71 7.91 0.88 -21.28
N LEU A 72 7.80 1.61 -20.17
CA LEU A 72 8.96 2.02 -19.41
C LEU A 72 9.66 0.83 -18.80
N GLN A 73 8.92 -0.24 -18.56
CA GLN A 73 9.45 -1.46 -18.00
C GLN A 73 10.39 -2.14 -18.99
N GLN A 74 10.03 -2.11 -20.26
CA GLN A 74 10.82 -2.77 -21.30
C GLN A 74 11.78 -1.94 -22.11
N LYS A 75 11.78 -0.64 -21.90
CA LYS A 75 12.68 0.21 -22.67
C LYS A 75 13.59 1.03 -21.80
N SER A 76 14.85 1.16 -22.23
CA SER A 76 15.81 1.96 -21.51
C SER A 76 15.42 3.38 -21.89
N ILE A 77 15.97 4.37 -21.20
CA ILE A 77 15.66 5.75 -21.50
C ILE A 77 16.17 6.14 -22.90
N GLU A 78 17.26 5.53 -23.34
CA GLU A 78 17.81 5.84 -24.65
C GLU A 78 16.90 5.24 -25.73
N ASP A 79 16.28 4.12 -25.42
CA ASP A 79 15.35 3.44 -26.33
C ASP A 79 14.19 4.35 -26.71
N LEU A 80 13.83 5.27 -25.80
CA LEU A 80 12.73 6.21 -26.02
C LEU A 80 13.03 7.30 -27.03
N ASN A 81 14.29 7.42 -27.44
CA ASN A 81 14.67 8.43 -28.41
C ASN A 81 14.53 7.86 -29.80
N GLN A 82 14.22 6.57 -29.88
CA GLN A 82 14.06 5.90 -31.16
C GLN A 82 12.84 6.47 -31.89
N ARG A 83 13.06 6.85 -33.15
CA ARG A 83 11.99 7.41 -33.97
C ARG A 83 11.08 6.36 -34.56
N ILE A 84 9.79 6.56 -34.36
CA ILE A 84 8.76 5.67 -34.86
C ILE A 84 8.08 6.32 -36.06
N THR A 85 8.02 5.58 -37.17
CA THR A 85 7.41 6.09 -38.39
C THR A 85 6.04 5.47 -38.59
N TYR A 86 5.09 6.26 -39.08
CA TYR A 86 3.74 5.77 -39.34
C TYR A 86 3.18 6.55 -40.51
N THR A 87 2.02 6.14 -41.00
CA THR A 87 1.41 6.80 -42.15
C THR A 87 0.02 7.33 -41.82
N ARG A 88 -0.57 8.05 -42.77
CA ARG A 88 -1.90 8.59 -42.57
C ARG A 88 -2.86 7.42 -42.33
N ASP A 89 -2.50 6.27 -42.88
CA ASP A 89 -3.31 5.07 -42.74
C ASP A 89 -3.33 4.56 -41.31
N ASP A 90 -2.33 4.97 -40.53
CA ASP A 90 -2.21 4.55 -39.14
C ASP A 90 -3.05 5.43 -38.22
N LEU A 91 -3.45 6.60 -38.72
CA LEU A 91 -4.24 7.51 -37.93
C LEU A 91 -5.69 7.02 -37.71
N VAL A 92 -6.20 7.16 -36.49
CA VAL A 92 -7.56 6.75 -36.15
C VAL A 92 -8.48 7.95 -35.89
N ASN A 93 -9.34 7.85 -34.89
CA ASN A 93 -10.30 8.93 -34.62
C ASN A 93 -9.84 10.22 -33.96
N TYR A 94 -8.97 10.14 -32.95
CA TYR A 94 -8.50 11.35 -32.26
C TYR A 94 -6.99 11.34 -32.15
N ASN A 95 -6.32 12.14 -32.97
CA ASN A 95 -4.87 12.18 -33.00
C ASN A 95 -4.35 13.60 -33.03
N PRO A 96 -4.62 14.38 -31.98
CA PRO A 96 -4.20 15.78 -31.88
C PRO A 96 -2.74 16.06 -32.22
N ILE A 97 -1.84 15.21 -31.73
CA ILE A 97 -0.41 15.40 -31.98
C ILE A 97 0.15 14.55 -33.13
N THR A 98 -0.20 13.28 -33.14
CA THR A 98 0.30 12.38 -34.18
C THR A 98 -0.03 12.78 -35.61
N GLU A 99 -1.23 13.26 -35.86
CA GLU A 99 -1.57 13.63 -37.23
C GLU A 99 -0.77 14.85 -37.70
N LYS A 100 -0.08 15.52 -36.78
CA LYS A 100 0.72 16.69 -37.13
C LYS A 100 2.17 16.36 -37.47
N HIS A 101 2.56 15.11 -37.28
CA HIS A 101 3.93 14.69 -37.53
C HIS A 101 4.00 13.42 -38.36
N VAL A 102 2.92 13.10 -39.06
CA VAL A 102 2.89 11.89 -39.87
C VAL A 102 4.04 11.89 -40.89
N ASP A 103 4.46 13.09 -41.30
CA ASP A 103 5.53 13.24 -42.26
C ASP A 103 6.91 12.92 -41.71
N THR A 104 7.16 13.27 -40.45
CA THR A 104 8.45 13.04 -39.83
C THR A 104 8.56 11.88 -38.83
N GLY A 105 7.43 11.29 -38.45
CA GLY A 105 7.46 10.23 -37.47
C GLY A 105 7.64 10.88 -36.10
N MET A 106 7.65 10.10 -35.03
CA MET A 106 7.82 10.66 -33.69
C MET A 106 8.61 9.69 -32.83
N THR A 107 9.36 10.21 -31.87
CA THR A 107 10.13 9.34 -31.00
C THR A 107 9.15 8.73 -30.01
N LEU A 108 9.55 7.63 -29.38
CA LEU A 108 8.67 6.97 -28.41
C LEU A 108 8.40 7.88 -27.22
N LYS A 109 9.36 8.76 -26.93
CA LYS A 109 9.23 9.70 -25.82
C LYS A 109 8.15 10.72 -26.13
N GLU A 110 8.11 11.16 -27.39
CA GLU A 110 7.13 12.12 -27.85
C GLU A 110 5.74 11.49 -27.93
N LEU A 111 5.68 10.21 -28.28
CA LEU A 111 4.41 9.49 -28.37
C LEU A 111 3.81 9.25 -26.97
N ALA A 112 4.68 8.98 -25.99
CA ALA A 112 4.23 8.75 -24.63
C ALA A 112 3.66 10.07 -24.10
N ASP A 113 4.31 11.17 -24.45
CA ASP A 113 3.88 12.50 -24.04
C ASP A 113 2.48 12.79 -24.63
N ALA A 114 2.32 12.57 -25.93
CA ALA A 114 1.05 12.81 -26.62
C ALA A 114 -0.08 11.94 -26.07
N SER A 115 0.20 10.66 -25.82
CA SER A 115 -0.79 9.75 -25.31
C SER A 115 -1.31 10.16 -23.92
N LEU A 116 -0.38 10.46 -23.01
CA LEU A 116 -0.75 10.81 -21.64
C LEU A 116 -1.29 12.22 -21.41
N ARG A 117 -0.70 13.21 -22.06
CA ARG A 117 -1.12 14.59 -21.87
C ARG A 117 -2.23 15.09 -22.81
N TYR A 118 -2.41 14.43 -23.95
CA TYR A 118 -3.45 14.84 -24.90
C TYR A 118 -4.42 13.73 -25.24
N SER A 119 -4.19 12.55 -24.67
CA SER A 119 -5.02 11.38 -24.91
C SER A 119 -5.02 10.95 -26.38
N ASP A 120 -3.91 11.21 -27.05
CA ASP A 120 -3.73 10.86 -28.47
C ASP A 120 -3.95 9.37 -28.70
N ASN A 121 -4.94 9.02 -29.52
CA ASN A 121 -5.28 7.61 -29.78
C ASN A 121 -4.26 6.85 -30.64
N THR A 122 -3.69 7.51 -31.64
CA THR A 122 -2.71 6.84 -32.48
C THR A 122 -1.42 6.64 -31.67
N ALA A 123 -1.09 7.60 -30.82
CA ALA A 123 0.09 7.46 -29.98
C ALA A 123 -0.08 6.21 -29.12
N GLN A 124 -1.28 6.03 -28.55
CA GLN A 124 -1.51 4.85 -27.72
C GLN A 124 -1.33 3.56 -28.54
N ASN A 125 -1.86 3.57 -29.76
CA ASN A 125 -1.79 2.40 -30.64
C ASN A 125 -0.36 2.02 -31.03
N LEU A 126 0.45 3.03 -31.35
CA LEU A 126 1.85 2.81 -31.72
C LEU A 126 2.63 2.26 -30.52
N ILE A 127 2.37 2.82 -29.34
CA ILE A 127 3.02 2.38 -28.12
C ILE A 127 2.61 0.94 -27.79
N LEU A 128 1.31 0.65 -27.94
CA LEU A 128 0.77 -0.70 -27.67
C LEU A 128 1.46 -1.74 -28.56
N LYS A 129 1.72 -1.37 -29.82
CA LYS A 129 2.38 -2.27 -30.75
C LYS A 129 3.81 -2.51 -30.29
N GLN A 130 4.47 -1.45 -29.84
CA GLN A 130 5.84 -1.55 -29.34
C GLN A 130 5.96 -2.58 -28.22
N ILE A 131 4.96 -2.67 -27.35
CA ILE A 131 5.04 -3.64 -26.25
C ILE A 131 4.41 -5.00 -26.54
N GLY A 132 3.97 -5.21 -27.77
CA GLY A 132 3.42 -6.50 -28.12
C GLY A 132 1.92 -6.62 -28.28
N GLY A 133 1.23 -5.50 -28.16
CA GLY A 133 -0.22 -5.52 -28.31
C GLY A 133 -0.96 -5.78 -27.01
N PRO A 134 -2.31 -5.75 -27.05
CA PRO A 134 -3.18 -5.98 -25.89
C PRO A 134 -2.88 -7.26 -25.11
N GLU A 135 -2.56 -8.34 -25.79
CA GLU A 135 -2.26 -9.59 -25.11
C GLU A 135 -1.04 -9.45 -24.19
N SER A 136 -0.01 -8.78 -24.69
CA SER A 136 1.20 -8.57 -23.90
C SER A 136 0.93 -7.58 -22.78
N LEU A 137 0.13 -6.56 -23.06
CA LEU A 137 -0.20 -5.59 -22.03
C LEU A 137 -0.89 -6.35 -20.89
N LYS A 138 -1.81 -7.22 -21.24
CA LYS A 138 -2.52 -7.98 -20.24
C LYS A 138 -1.60 -8.90 -19.45
N LYS A 139 -0.66 -9.55 -20.12
CA LYS A 139 0.28 -10.45 -19.45
C LYS A 139 1.16 -9.71 -18.45
N GLU A 140 1.60 -8.52 -18.83
CA GLU A 140 2.43 -7.71 -17.98
C GLU A 140 1.67 -7.24 -16.73
N LEU A 141 0.39 -6.93 -16.89
CA LEU A 141 -0.42 -6.48 -15.76
C LEU A 141 -0.66 -7.64 -14.81
N ARG A 142 -0.90 -8.83 -15.36
CA ARG A 142 -1.12 -10.02 -14.56
C ARG A 142 0.15 -10.27 -13.74
N LYS A 143 1.29 -9.95 -14.34
CA LYS A 143 2.57 -10.15 -13.69
C LYS A 143 2.71 -9.27 -12.46
N ILE A 144 2.26 -8.03 -12.55
CA ILE A 144 2.37 -7.12 -11.40
C ILE A 144 1.24 -7.28 -10.38
N GLY A 145 0.43 -8.32 -10.54
CA GLY A 145 -0.63 -8.56 -9.58
C GLY A 145 -2.03 -8.12 -10.00
N ASP A 146 -2.16 -7.51 -11.18
CA ASP A 146 -3.46 -7.08 -11.65
C ASP A 146 -4.13 -8.24 -12.40
N GLU A 147 -5.12 -8.83 -11.74
CA GLU A 147 -5.86 -9.95 -12.29
C GLU A 147 -7.21 -9.49 -12.80
N VAL A 148 -7.45 -8.19 -12.79
CA VAL A 148 -8.73 -7.63 -13.20
C VAL A 148 -8.78 -6.91 -14.54
N THR A 149 -7.89 -5.95 -14.75
CA THR A 149 -7.85 -5.19 -15.99
C THR A 149 -7.78 -6.14 -17.18
N ASN A 150 -8.67 -5.94 -18.14
CA ASN A 150 -8.75 -6.82 -19.29
C ASN A 150 -8.63 -6.14 -20.63
N PRO A 151 -7.42 -5.75 -21.03
CA PRO A 151 -7.26 -5.09 -22.33
C PRO A 151 -7.35 -6.11 -23.44
N GLU A 152 -8.13 -5.79 -24.46
CA GLU A 152 -8.31 -6.68 -25.59
C GLU A 152 -8.16 -5.98 -26.93
N ARG A 153 -8.42 -4.67 -26.96
CA ARG A 153 -8.36 -3.95 -28.22
C ARG A 153 -7.59 -2.65 -28.29
N PHE A 154 -7.38 -2.21 -29.52
CA PHE A 154 -6.70 -0.96 -29.79
C PHE A 154 -7.74 0.15 -29.71
N GLU A 155 -7.29 1.38 -29.87
CA GLU A 155 -8.18 2.53 -29.87
C GLU A 155 -8.64 2.67 -31.31
N PRO A 156 -9.90 3.04 -31.54
CA PRO A 156 -10.95 3.35 -30.56
C PRO A 156 -11.89 2.20 -30.30
N GLU A 157 -11.60 1.02 -30.85
CA GLU A 157 -12.45 -0.17 -30.68
C GLU A 157 -12.67 -0.57 -29.23
N LEU A 158 -11.74 -0.21 -28.34
CA LEU A 158 -11.86 -0.55 -26.92
C LEU A 158 -13.06 0.17 -26.29
N ASN A 159 -13.62 1.13 -27.02
CA ASN A 159 -14.77 1.89 -26.56
C ASN A 159 -16.05 1.09 -26.79
N GLU A 160 -15.97 0.06 -27.63
CA GLU A 160 -17.13 -0.76 -27.93
C GLU A 160 -17.42 -1.77 -26.84
N VAL A 161 -17.84 -1.29 -25.67
CA VAL A 161 -18.15 -2.15 -24.54
C VAL A 161 -19.60 -1.97 -24.11
N ASN A 162 -20.28 -3.08 -23.87
CA ASN A 162 -21.68 -3.03 -23.47
C ASN A 162 -21.81 -3.52 -22.04
N PRO A 163 -22.88 -3.11 -21.36
CA PRO A 163 -23.08 -3.55 -19.98
C PRO A 163 -23.12 -5.06 -19.89
N GLY A 164 -22.34 -5.61 -18.97
CA GLY A 164 -22.30 -7.05 -18.83
C GLY A 164 -21.03 -7.71 -19.32
N GLU A 165 -20.33 -7.08 -20.27
CA GLU A 165 -19.09 -7.67 -20.78
C GLU A 165 -17.88 -7.11 -20.06
N THR A 166 -16.82 -7.92 -20.03
CA THR A 166 -15.58 -7.57 -19.35
C THR A 166 -14.45 -7.08 -20.26
N GLN A 167 -14.63 -7.21 -21.56
CA GLN A 167 -13.57 -6.77 -22.46
C GLN A 167 -13.32 -5.27 -22.29
N ASP A 168 -12.04 -4.94 -22.14
CA ASP A 168 -11.59 -3.58 -21.97
C ASP A 168 -12.20 -2.86 -20.77
N THR A 169 -12.33 -3.58 -19.66
CA THR A 169 -12.86 -3.01 -18.44
C THR A 169 -11.89 -3.28 -17.28
N SER A 170 -12.14 -2.62 -16.16
CA SER A 170 -11.36 -2.80 -14.95
C SER A 170 -12.23 -2.27 -13.83
N THR A 171 -11.67 -2.20 -12.63
CA THR A 171 -12.39 -1.68 -11.47
C THR A 171 -11.59 -0.54 -10.89
N ALA A 172 -12.20 0.22 -9.98
CA ALA A 172 -11.51 1.34 -9.37
C ALA A 172 -10.31 0.82 -8.56
N ARG A 173 -10.50 -0.28 -7.84
CA ARG A 173 -9.42 -0.84 -7.04
C ARG A 173 -8.26 -1.30 -7.92
N ALA A 174 -8.55 -2.04 -8.99
CA ALA A 174 -7.52 -2.53 -9.89
C ALA A 174 -6.73 -1.44 -10.59
N LEU A 175 -7.42 -0.45 -11.16
CA LEU A 175 -6.75 0.64 -11.85
C LEU A 175 -5.89 1.46 -10.89
N ALA A 176 -6.42 1.76 -9.71
CA ALA A 176 -5.68 2.54 -8.72
C ALA A 176 -4.45 1.78 -8.27
N THR A 177 -4.60 0.48 -8.03
CA THR A 177 -3.50 -0.36 -7.57
C THR A 177 -2.39 -0.53 -8.62
N SER A 178 -2.77 -0.66 -9.87
CA SER A 178 -1.79 -0.80 -10.95
C SER A 178 -1.08 0.53 -11.19
N LEU A 179 -1.80 1.65 -11.06
CA LEU A 179 -1.17 2.95 -11.23
C LEU A 179 -0.15 3.14 -10.09
N GLN A 180 -0.52 2.73 -8.89
CA GLN A 180 0.36 2.85 -7.73
C GLN A 180 1.62 2.00 -7.96
N ALA A 181 1.43 0.79 -8.48
CA ALA A 181 2.53 -0.13 -8.75
C ALA A 181 3.61 0.52 -9.62
N PHE A 182 3.20 1.14 -10.71
CA PHE A 182 4.14 1.77 -11.63
C PHE A 182 4.69 3.13 -11.19
N ALA A 183 3.87 3.93 -10.50
CA ALA A 183 4.31 5.26 -10.11
C ALA A 183 4.92 5.43 -8.72
N LEU A 184 4.54 4.57 -7.79
CA LEU A 184 5.03 4.71 -6.41
C LEU A 184 5.79 3.52 -5.89
N GLU A 185 5.58 2.35 -6.48
CA GLU A 185 6.27 1.16 -6.02
C GLU A 185 7.56 0.90 -6.80
N ASP A 186 8.08 -0.32 -6.65
CA ASP A 186 9.33 -0.72 -7.26
C ASP A 186 9.21 -1.43 -8.61
N LYS A 187 8.06 -1.32 -9.26
CA LYS A 187 7.87 -1.97 -10.55
C LYS A 187 8.75 -1.29 -11.59
N LEU A 188 9.12 -0.05 -11.31
CA LEU A 188 9.96 0.72 -12.19
C LEU A 188 11.04 1.39 -11.35
N PRO A 189 12.23 1.59 -11.93
CA PRO A 189 13.29 2.24 -11.15
C PRO A 189 12.99 3.74 -11.08
N SER A 190 13.52 4.37 -10.04
CA SER A 190 13.37 5.80 -9.77
C SER A 190 13.21 6.71 -10.97
N GLU A 191 14.24 6.74 -11.81
CA GLU A 191 14.27 7.60 -13.00
C GLU A 191 13.09 7.44 -13.93
N LYS A 192 12.62 6.20 -14.06
CA LYS A 192 11.49 5.94 -14.94
C LYS A 192 10.17 6.31 -14.28
N ARG A 193 10.06 6.11 -12.97
CA ARG A 193 8.87 6.49 -12.24
C ARG A 193 8.70 7.99 -12.40
N GLU A 194 9.81 8.72 -12.29
CA GLU A 194 9.79 10.17 -12.41
C GLU A 194 9.33 10.68 -13.77
N LEU A 195 9.62 9.92 -14.83
CA LEU A 195 9.21 10.31 -16.18
C LEU A 195 7.68 10.18 -16.27
N LEU A 196 7.17 9.05 -15.78
CA LEU A 196 5.75 8.78 -15.79
C LEU A 196 5.01 9.85 -15.00
N ILE A 197 5.47 10.10 -13.78
CA ILE A 197 4.83 11.10 -12.93
C ILE A 197 4.90 12.51 -13.52
N ASP A 198 5.99 12.85 -14.17
CA ASP A 198 6.13 14.18 -14.76
C ASP A 198 5.13 14.40 -15.90
N TRP A 199 4.96 13.40 -16.74
CA TRP A 199 4.02 13.48 -17.85
C TRP A 199 2.59 13.68 -17.32
N MET A 200 2.18 12.80 -16.40
CA MET A 200 0.86 12.84 -15.80
C MET A 200 0.58 14.13 -15.02
N LYS A 201 1.59 14.68 -14.38
CA LYS A 201 1.43 15.92 -13.63
C LYS A 201 1.14 17.04 -14.62
N ARG A 202 1.66 16.90 -15.84
CA ARG A 202 1.45 17.91 -16.87
C ARG A 202 0.30 17.59 -17.82
N ASN A 203 -0.61 16.73 -17.39
CA ASN A 203 -1.78 16.36 -18.19
C ASN A 203 -2.55 17.65 -18.54
N THR A 204 -3.08 17.74 -19.75
CA THR A 204 -3.80 18.94 -20.16
C THR A 204 -5.32 18.77 -20.19
N THR A 205 -5.79 17.54 -20.00
CA THR A 205 -7.22 17.23 -20.08
C THR A 205 -8.01 17.01 -18.79
N GLY A 206 -7.41 17.17 -17.62
CA GLY A 206 -8.14 16.90 -16.39
C GLY A 206 -8.43 18.03 -15.43
N ASP A 207 -8.32 19.26 -15.90
CA ASP A 207 -8.55 20.41 -15.04
C ASP A 207 -9.93 20.45 -14.37
N ALA A 208 -10.95 19.90 -15.04
CA ALA A 208 -12.30 19.91 -14.51
C ALA A 208 -12.69 18.66 -13.74
N LEU A 209 -11.74 17.75 -13.55
CA LEU A 209 -12.07 16.53 -12.84
C LEU A 209 -11.45 16.48 -11.46
N ILE A 210 -10.63 15.47 -11.17
CA ILE A 210 -10.03 15.36 -9.85
C ILE A 210 -9.29 16.64 -9.44
N ARG A 211 -8.65 17.29 -10.41
CA ARG A 211 -7.93 18.52 -10.12
C ARG A 211 -8.85 19.63 -9.61
N ALA A 212 -10.13 19.56 -9.98
CA ALA A 212 -11.10 20.56 -9.56
C ALA A 212 -11.69 20.25 -8.18
N GLY A 213 -11.44 19.04 -7.67
CA GLY A 213 -11.96 18.64 -6.38
C GLY A 213 -10.95 18.56 -5.25
N VAL A 214 -9.71 18.95 -5.52
CA VAL A 214 -8.69 18.92 -4.47
C VAL A 214 -8.39 20.33 -4.00
N PRO A 215 -7.93 20.48 -2.75
CA PRO A 215 -7.59 21.81 -2.20
C PRO A 215 -6.41 22.43 -2.95
N GLU A 216 -6.33 23.76 -2.94
CA GLU A 216 -5.23 24.44 -3.60
C GLU A 216 -3.95 24.00 -2.90
N GLY A 217 -2.87 23.85 -3.67
CA GLY A 217 -1.62 23.42 -3.09
C GLY A 217 -1.37 21.93 -3.21
N TRP A 218 -2.39 21.17 -3.56
CA TRP A 218 -2.24 19.74 -3.72
C TRP A 218 -1.78 19.50 -5.17
N GLU A 219 -0.78 18.64 -5.34
CA GLU A 219 -0.27 18.32 -6.67
C GLU A 219 -0.99 17.08 -7.19
N VAL A 220 -1.33 17.09 -8.47
CA VAL A 220 -2.05 15.97 -9.06
C VAL A 220 -1.38 15.47 -10.34
N ALA A 221 -1.34 14.15 -10.48
CA ALA A 221 -0.79 13.50 -11.66
C ALA A 221 -1.94 12.59 -12.02
N ASP A 222 -2.58 12.85 -13.16
CA ASP A 222 -3.74 12.07 -13.54
C ASP A 222 -3.84 11.72 -15.01
N LYS A 223 -4.74 10.78 -15.29
CA LYS A 223 -5.07 10.37 -16.65
C LYS A 223 -6.59 10.17 -16.67
N THR A 224 -7.24 10.98 -17.49
CA THR A 224 -8.68 10.97 -17.68
C THR A 224 -9.12 10.00 -18.77
N GLY A 225 -10.42 9.76 -18.83
CA GLY A 225 -10.95 8.87 -19.85
C GLY A 225 -12.43 9.15 -20.00
N ALA A 226 -12.99 8.80 -21.16
CA ALA A 226 -14.41 8.97 -21.43
C ALA A 226 -14.78 7.95 -22.50
N GLY A 227 -16.05 7.55 -22.54
CA GLY A 227 -16.45 6.57 -23.53
C GLY A 227 -17.94 6.47 -23.65
N SER A 228 -18.41 5.37 -24.25
CA SER A 228 -19.83 5.12 -24.43
C SER A 228 -20.52 4.88 -23.09
N TYR A 229 -21.83 5.01 -23.07
CA TYR A 229 -22.60 4.84 -21.84
C TYR A 229 -22.25 5.94 -20.84
N GLY A 230 -21.92 7.11 -21.35
CA GLY A 230 -21.59 8.24 -20.49
C GLY A 230 -20.45 7.95 -19.53
N THR A 231 -19.52 7.07 -19.93
CA THR A 231 -18.38 6.72 -19.10
C THR A 231 -17.45 7.93 -18.96
N ARG A 232 -17.07 8.24 -17.72
CA ARG A 232 -16.18 9.36 -17.45
C ARG A 232 -15.29 8.95 -16.28
N ASN A 233 -14.01 8.79 -16.56
CA ASN A 233 -13.05 8.33 -15.56
C ASN A 233 -11.86 9.24 -15.36
N ASP A 234 -11.21 9.06 -14.21
CA ASP A 234 -9.99 9.79 -13.88
C ASP A 234 -9.24 9.01 -12.80
N ILE A 235 -7.97 8.69 -13.08
CA ILE A 235 -7.15 7.98 -12.09
C ILE A 235 -5.98 8.92 -11.79
N ALA A 236 -5.56 8.98 -10.53
CA ALA A 236 -4.50 9.90 -10.17
C ALA A 236 -3.74 9.56 -8.92
N ILE A 237 -2.63 10.26 -8.76
CA ILE A 237 -1.78 10.18 -7.59
C ILE A 237 -1.90 11.63 -7.14
N ILE A 238 -2.27 11.84 -5.89
CA ILE A 238 -2.42 13.20 -5.36
C ILE A 238 -1.44 13.40 -4.22
N TRP A 239 -0.78 14.56 -4.20
CA TRP A 239 0.19 14.86 -3.15
C TRP A 239 -0.26 16.03 -2.30
N PRO A 240 -0.62 15.77 -1.05
CA PRO A 240 -1.03 16.87 -0.19
C PRO A 240 0.23 17.71 0.03
N PRO A 241 0.07 18.98 0.44
CA PRO A 241 1.29 19.77 0.64
C PRO A 241 2.14 19.13 1.72
N LYS A 242 1.48 18.54 2.70
CA LYS A 242 2.16 17.90 3.80
C LYS A 242 1.74 16.44 3.93
N GLY A 243 2.59 15.52 3.49
CA GLY A 243 2.23 14.13 3.61
C GLY A 243 2.52 13.18 2.45
N ASP A 244 2.16 11.92 2.68
CA ASP A 244 2.35 10.86 1.70
C ASP A 244 1.28 10.93 0.62
N PRO A 245 1.61 10.46 -0.58
CA PRO A 245 0.63 10.52 -1.66
C PRO A 245 -0.63 9.71 -1.43
N VAL A 246 -1.68 10.11 -2.14
CA VAL A 246 -2.96 9.43 -2.10
C VAL A 246 -3.19 8.90 -3.51
N VAL A 247 -3.55 7.63 -3.62
CA VAL A 247 -3.83 7.01 -4.91
C VAL A 247 -5.34 7.03 -5.04
N LEU A 248 -5.84 7.55 -6.16
CA LEU A 248 -7.27 7.65 -6.36
C LEU A 248 -7.76 7.28 -7.75
N ALA A 249 -8.81 6.48 -7.80
CA ALA A 249 -9.43 6.10 -9.07
C ALA A 249 -10.91 6.45 -8.94
N VAL A 250 -11.42 7.30 -9.82
CA VAL A 250 -12.82 7.67 -9.81
C VAL A 250 -13.40 7.29 -11.16
N LEU A 251 -14.29 6.31 -11.17
CA LEU A 251 -14.91 5.82 -12.40
C LEU A 251 -16.42 6.09 -12.41
N SER A 252 -17.00 6.16 -13.60
CA SER A 252 -18.43 6.40 -13.69
C SER A 252 -19.00 6.05 -15.04
N SER A 253 -20.27 5.66 -15.04
CA SER A 253 -20.96 5.32 -16.27
C SER A 253 -22.45 5.62 -16.11
N ARG A 254 -23.15 5.69 -17.23
CA ARG A 254 -24.58 5.97 -17.23
C ARG A 254 -25.29 4.79 -17.88
N ASP A 255 -26.61 4.78 -17.88
CA ASP A 255 -27.33 3.65 -18.46
C ASP A 255 -27.66 3.70 -19.94
N LYS A 256 -27.49 4.86 -20.57
CA LYS A 256 -27.77 4.97 -22.01
C LYS A 256 -26.48 5.04 -22.79
N LYS A 257 -26.42 4.25 -23.86
CA LYS A 257 -25.22 4.21 -24.69
C LYS A 257 -24.80 5.60 -25.12
N ASP A 258 -25.78 6.40 -25.51
CA ASP A 258 -25.53 7.76 -25.97
C ASP A 258 -25.57 8.83 -24.88
N ALA A 259 -25.64 8.40 -23.62
CA ALA A 259 -25.69 9.33 -22.50
C ALA A 259 -24.49 10.27 -22.47
N LYS A 260 -24.72 11.49 -22.02
CA LYS A 260 -23.66 12.47 -21.91
C LYS A 260 -23.16 12.44 -20.47
N TYR A 261 -21.90 12.77 -20.26
CA TYR A 261 -21.37 12.77 -18.91
C TYR A 261 -21.22 14.21 -18.43
N ASP A 262 -21.00 14.38 -17.14
CA ASP A 262 -20.82 15.68 -16.56
C ASP A 262 -19.58 15.56 -15.68
N ASP A 263 -18.55 16.33 -16.02
CA ASP A 263 -17.29 16.32 -15.28
C ASP A 263 -17.47 16.65 -13.81
N LYS A 264 -18.45 17.48 -13.49
CA LYS A 264 -18.69 17.86 -12.10
C LYS A 264 -18.87 16.68 -11.16
N LEU A 265 -19.37 15.57 -11.67
CA LEU A 265 -19.57 14.39 -10.84
C LEU A 265 -18.22 13.92 -10.29
N ILE A 266 -17.20 13.97 -11.12
CA ILE A 266 -15.86 13.55 -10.71
C ILE A 266 -15.29 14.55 -9.71
N ALA A 267 -15.43 15.83 -10.00
CA ALA A 267 -14.93 16.87 -9.12
C ALA A 267 -15.60 16.75 -7.74
N GLU A 268 -16.91 16.54 -7.74
CA GLU A 268 -17.66 16.42 -6.49
C GLU A 268 -17.31 15.17 -5.72
N ALA A 269 -17.15 14.05 -6.43
CA ALA A 269 -16.79 12.80 -5.79
C ALA A 269 -15.42 12.96 -5.12
N THR A 270 -14.52 13.67 -5.79
CA THR A 270 -13.19 13.89 -5.24
C THR A 270 -13.24 14.68 -3.93
N LYS A 271 -14.13 15.68 -3.88
CA LYS A 271 -14.27 16.50 -2.69
C LYS A 271 -14.67 15.64 -1.49
N VAL A 272 -15.56 14.67 -1.72
CA VAL A 272 -16.00 13.78 -0.65
C VAL A 272 -14.82 12.93 -0.18
N VAL A 273 -14.04 12.45 -1.14
CA VAL A 273 -12.89 11.61 -0.83
C VAL A 273 -11.90 12.37 0.04
N LEU A 274 -11.53 13.57 -0.37
CA LEU A 274 -10.58 14.36 0.39
C LEU A 274 -11.10 14.57 1.81
N LYS A 275 -12.40 14.89 1.92
CA LYS A 275 -13.02 15.10 3.22
C LYS A 275 -12.87 13.83 4.05
N ALA A 276 -13.30 12.71 3.49
CA ALA A 276 -13.23 11.43 4.17
C ALA A 276 -11.82 11.10 4.62
N LEU A 277 -10.82 11.54 3.86
CA LEU A 277 -9.42 11.30 4.18
C LEU A 277 -8.85 12.36 5.12
N LYS B 22 -16.93 -8.10 10.51
CA LYS B 22 -17.21 -9.56 10.31
C LYS B 22 -17.85 -10.20 11.55
N ASP B 23 -18.88 -11.01 11.32
CA ASP B 23 -19.55 -11.66 12.43
C ASP B 23 -18.64 -12.72 13.01
N ASP B 24 -17.76 -13.25 12.16
CA ASP B 24 -16.83 -14.27 12.60
C ASP B 24 -15.86 -13.72 13.63
N PHE B 25 -15.49 -12.45 13.50
CA PHE B 25 -14.59 -11.84 14.48
C PHE B 25 -15.35 -11.57 15.78
N ALA B 26 -16.60 -11.13 15.65
CA ALA B 26 -17.43 -10.84 16.82
C ALA B 26 -17.66 -12.10 17.65
N LYS B 27 -17.79 -13.24 16.97
CA LYS B 27 -18.00 -14.50 17.68
C LYS B 27 -16.75 -14.95 18.43
N LEU B 28 -15.59 -14.65 17.87
CA LEU B 28 -14.33 -15.03 18.50
C LEU B 28 -14.19 -14.17 19.76
N GLU B 29 -14.54 -12.90 19.64
CA GLU B 29 -14.47 -11.98 20.77
C GLU B 29 -15.36 -12.49 21.90
N GLU B 30 -16.54 -13.00 21.54
CA GLU B 30 -17.47 -13.50 22.53
C GLU B 30 -16.96 -14.81 23.16
N GLN B 31 -16.49 -15.74 22.34
CA GLN B 31 -15.99 -17.01 22.83
C GLN B 31 -14.78 -16.90 23.76
N PHE B 32 -13.81 -16.08 23.37
CA PHE B 32 -12.59 -15.92 24.16
C PHE B 32 -12.66 -14.75 25.14
N ASP B 33 -13.80 -14.09 25.19
CA ASP B 33 -13.98 -12.98 26.11
C ASP B 33 -12.84 -11.98 25.94
N ALA B 34 -12.55 -11.63 24.69
CA ALA B 34 -11.49 -10.69 24.40
C ALA B 34 -11.93 -9.73 23.32
N LYS B 35 -11.15 -8.68 23.11
CA LYS B 35 -11.43 -7.69 22.08
C LYS B 35 -10.38 -7.90 21.01
N LEU B 36 -10.75 -7.75 19.75
CA LEU B 36 -9.81 -7.95 18.65
C LEU B 36 -9.60 -6.66 17.88
N GLY B 37 -8.37 -6.44 17.46
CA GLY B 37 -8.02 -5.28 16.66
C GLY B 37 -7.32 -5.91 15.47
N ILE B 38 -7.93 -5.83 14.30
CA ILE B 38 -7.34 -6.44 13.12
C ILE B 38 -7.24 -5.53 11.91
N PHE B 39 -6.11 -5.65 11.22
CA PHE B 39 -5.89 -4.93 9.98
C PHE B 39 -5.01 -5.79 9.10
N ALA B 40 -5.54 -6.14 7.94
CA ALA B 40 -4.80 -6.94 6.98
C ALA B 40 -4.88 -6.23 5.64
N LEU B 41 -3.75 -6.22 4.94
CA LEU B 41 -3.70 -5.60 3.64
C LEU B 41 -2.95 -6.51 2.67
N ASP B 42 -3.61 -6.85 1.56
CA ASP B 42 -2.98 -7.67 0.52
C ASP B 42 -2.32 -6.63 -0.38
N THR B 43 -0.99 -6.51 -0.28
CA THR B 43 -0.31 -5.49 -1.07
C THR B 43 -0.43 -5.66 -2.58
N GLY B 44 -0.82 -6.85 -3.00
CA GLY B 44 -0.95 -7.09 -4.43
C GLY B 44 -2.25 -6.60 -5.02
N THR B 45 -3.28 -6.51 -4.20
CA THR B 45 -4.60 -6.10 -4.66
C THR B 45 -5.22 -4.92 -3.91
N ASN B 46 -4.58 -4.52 -2.83
CA ASN B 46 -5.07 -3.42 -2.00
C ASN B 46 -6.39 -3.78 -1.34
N ARG B 47 -6.63 -5.08 -1.21
CA ARG B 47 -7.82 -5.59 -0.55
C ARG B 47 -7.45 -5.60 0.93
N THR B 48 -8.40 -5.27 1.79
CA THR B 48 -8.11 -5.25 3.20
C THR B 48 -9.13 -6.01 4.02
N VAL B 49 -8.72 -6.39 5.21
CA VAL B 49 -9.59 -7.06 6.16
C VAL B 49 -9.39 -6.24 7.42
N THR B 50 -10.46 -5.62 7.90
CA THR B 50 -10.36 -4.80 9.10
C THR B 50 -11.46 -5.15 10.11
N TYR B 51 -11.13 -4.94 11.38
CA TYR B 51 -12.03 -5.19 12.51
C TYR B 51 -11.45 -4.36 13.65
N ARG B 52 -12.12 -3.26 14.02
CA ARG B 52 -11.63 -2.37 15.06
C ARG B 52 -10.20 -2.00 14.71
N PRO B 53 -9.93 -1.63 13.45
CA PRO B 53 -8.58 -1.28 13.01
C PRO B 53 -7.95 -0.07 13.69
N ASP B 54 -8.79 0.81 14.21
CA ASP B 54 -8.29 2.01 14.85
C ASP B 54 -8.51 2.10 16.36
N GLU B 55 -8.71 0.95 16.98
CA GLU B 55 -8.88 0.86 18.42
C GLU B 55 -7.48 0.70 18.99
N ARG B 56 -7.17 1.46 20.03
CA ARG B 56 -5.85 1.37 20.65
C ARG B 56 -5.69 0.16 21.56
N PHE B 57 -4.50 -0.43 21.52
CA PHE B 57 -4.14 -1.58 22.35
C PHE B 57 -2.71 -1.30 22.78
N ALA B 58 -2.29 -1.88 23.90
CA ALA B 58 -0.92 -1.72 24.36
C ALA B 58 -0.12 -2.54 23.32
N PHE B 59 0.93 -1.97 22.75
CA PHE B 59 1.66 -2.71 21.74
C PHE B 59 2.59 -3.78 22.28
N ALA B 60 2.95 -3.67 23.56
CA ALA B 60 3.85 -4.63 24.19
C ALA B 60 5.11 -4.89 23.35
N SER B 61 5.54 -6.15 23.24
CA SER B 61 6.76 -6.47 22.50
C SER B 61 6.79 -6.17 21.01
N THR B 62 5.64 -5.95 20.41
CA THR B 62 5.63 -5.67 18.99
C THR B 62 6.47 -4.43 18.69
N ILE B 63 6.60 -3.54 19.66
CA ILE B 63 7.39 -2.32 19.47
C ILE B 63 8.86 -2.64 19.11
N LYS B 64 9.32 -3.81 19.50
CA LYS B 64 10.70 -4.23 19.23
C LYS B 64 11.02 -4.29 17.72
N ALA B 65 10.01 -4.61 16.92
CA ALA B 65 10.20 -4.69 15.47
C ALA B 65 10.34 -3.27 14.90
N LEU B 66 9.53 -2.34 15.42
CA LEU B 66 9.59 -0.97 14.96
C LEU B 66 10.88 -0.29 15.43
N THR B 67 11.38 -0.68 16.60
CA THR B 67 12.60 -0.12 17.16
C THR B 67 13.80 -0.51 16.30
N VAL B 68 13.87 -1.78 15.93
CA VAL B 68 14.96 -2.25 15.08
C VAL B 68 14.90 -1.54 13.72
N GLY B 69 13.68 -1.29 13.23
CA GLY B 69 13.52 -0.60 11.95
C GLY B 69 14.14 0.77 11.98
N VAL B 70 13.95 1.49 13.08
CA VAL B 70 14.51 2.83 13.22
C VAL B 70 16.02 2.74 13.36
N LEU B 71 16.49 1.67 14.01
CA LEU B 71 17.93 1.46 14.19
C LEU B 71 18.63 1.28 12.84
N LEU B 72 18.11 0.36 12.02
CA LEU B 72 18.65 0.09 10.70
C LEU B 72 18.63 1.36 9.87
N GLN B 73 17.71 2.26 10.21
CA GLN B 73 17.53 3.52 9.53
C GLN B 73 18.62 4.53 9.88
N GLN B 74 19.19 4.38 11.07
CA GLN B 74 20.22 5.29 11.56
C GLN B 74 21.63 4.75 11.44
N LYS B 75 21.78 3.44 11.48
CA LYS B 75 23.10 2.83 11.43
C LYS B 75 23.36 2.11 10.10
N SER B 76 24.63 2.04 9.71
CA SER B 76 25.02 1.34 8.49
C SER B 76 25.19 -0.12 8.84
N ILE B 77 25.16 -1.00 7.83
CA ILE B 77 25.32 -2.43 8.09
C ILE B 77 26.60 -2.70 8.86
N GLU B 78 27.60 -1.86 8.63
CA GLU B 78 28.88 -1.99 9.31
C GLU B 78 28.78 -1.53 10.75
N ASP B 79 28.05 -0.44 10.96
CA ASP B 79 27.87 0.12 12.29
C ASP B 79 27.24 -0.92 13.20
N LEU B 80 26.47 -1.82 12.61
CA LEU B 80 25.79 -2.89 13.34
C LEU B 80 26.79 -3.83 13.99
N ASN B 81 28.03 -3.78 13.53
CA ASN B 81 29.09 -4.63 14.07
C ASN B 81 29.64 -4.06 15.36
N GLN B 82 29.39 -2.76 15.57
CA GLN B 82 29.85 -2.06 16.76
C GLN B 82 29.46 -2.85 18.03
N ARG B 83 30.44 -3.06 18.89
CA ARG B 83 30.18 -3.79 20.11
C ARG B 83 29.52 -2.88 21.13
N ILE B 84 28.67 -3.45 21.96
CA ILE B 84 27.98 -2.71 22.99
C ILE B 84 28.29 -3.39 24.32
N THR B 85 28.75 -2.60 25.28
CA THR B 85 29.10 -3.11 26.59
C THR B 85 28.06 -2.70 27.63
N TYR B 86 27.58 -3.68 28.39
CA TYR B 86 26.60 -3.41 29.43
C TYR B 86 26.93 -4.29 30.63
N THR B 87 26.26 -4.04 31.74
CA THR B 87 26.48 -4.79 32.97
C THR B 87 25.22 -5.46 33.48
N ARG B 88 25.30 -5.99 34.70
CA ARG B 88 24.18 -6.66 35.32
C ARG B 88 23.17 -5.60 35.74
N ASP B 89 23.64 -4.36 35.80
CA ASP B 89 22.80 -3.22 36.17
C ASP B 89 21.82 -3.00 35.03
N ASP B 90 22.27 -3.29 33.83
CA ASP B 90 21.49 -3.11 32.62
C ASP B 90 20.54 -4.27 32.31
N LEU B 91 20.61 -5.33 33.10
CA LEU B 91 19.74 -6.47 32.87
C LEU B 91 18.38 -6.22 33.53
N VAL B 92 17.30 -6.56 32.84
CA VAL B 92 15.94 -6.35 33.36
C VAL B 92 15.20 -7.63 33.74
N ASN B 93 13.94 -7.72 33.36
CA ASN B 93 13.10 -8.87 33.71
C ASN B 93 13.10 -10.10 32.80
N TYR B 94 13.60 -9.96 31.59
CA TYR B 94 13.62 -11.08 30.65
C TYR B 94 14.76 -10.91 29.68
N ASN B 95 15.85 -11.64 29.91
CA ASN B 95 17.02 -11.52 29.06
C ASN B 95 17.63 -12.87 28.71
N PRO B 96 16.87 -13.69 27.97
CA PRO B 96 17.32 -15.02 27.55
C PRO B 96 18.72 -15.02 26.94
N ILE B 97 19.00 -14.00 26.14
CA ILE B 97 20.28 -13.91 25.47
C ILE B 97 21.30 -13.01 26.15
N THR B 98 20.91 -11.77 26.43
CA THR B 98 21.82 -10.82 27.06
C THR B 98 22.41 -11.28 28.39
N GLU B 99 21.72 -12.22 29.05
CA GLU B 99 22.18 -12.73 30.33
C GLU B 99 23.38 -13.64 30.18
N LYS B 100 23.65 -14.03 28.93
CA LYS B 100 24.77 -14.93 28.67
C LYS B 100 25.97 -14.20 28.07
N HIS B 101 25.90 -12.88 27.98
CA HIS B 101 27.00 -12.12 27.40
C HIS B 101 27.28 -10.83 28.14
N VAL B 102 27.00 -10.83 29.43
CA VAL B 102 27.23 -9.63 30.24
C VAL B 102 28.69 -9.14 30.17
N ASP B 103 29.64 -10.08 30.27
CA ASP B 103 31.05 -9.74 30.26
C ASP B 103 31.62 -9.52 28.86
N THR B 104 31.16 -10.31 27.91
CA THR B 104 31.64 -10.20 26.53
C THR B 104 31.11 -8.94 25.86
N GLY B 105 29.83 -8.68 26.08
CA GLY B 105 29.18 -7.54 25.46
C GLY B 105 28.51 -8.13 24.23
N MET B 106 27.83 -7.30 23.44
CA MET B 106 27.16 -7.81 22.25
C MET B 106 27.16 -6.74 21.18
N THR B 107 27.13 -7.15 19.92
CA THR B 107 27.11 -6.19 18.82
C THR B 107 25.66 -5.80 18.58
N LEU B 108 25.45 -4.64 17.96
CA LEU B 108 24.08 -4.18 17.68
C LEU B 108 23.29 -5.23 16.90
N LYS B 109 23.97 -5.92 15.99
CA LYS B 109 23.36 -6.95 15.17
C LYS B 109 22.89 -8.11 16.03
N GLU B 110 23.68 -8.42 17.05
CA GLU B 110 23.37 -9.50 17.98
C GLU B 110 22.18 -9.12 18.86
N LEU B 111 22.16 -7.87 19.30
CA LEU B 111 21.10 -7.37 20.14
C LEU B 111 19.78 -7.35 19.37
N ALA B 112 19.83 -6.88 18.13
CA ALA B 112 18.64 -6.83 17.28
C ALA B 112 18.08 -8.23 17.15
N ASP B 113 18.97 -9.19 16.92
CA ASP B 113 18.61 -10.58 16.77
C ASP B 113 17.90 -11.10 18.02
N ALA B 114 18.48 -10.80 19.18
CA ALA B 114 17.94 -11.25 20.46
C ALA B 114 16.57 -10.64 20.73
N SER B 115 16.45 -9.35 20.45
CA SER B 115 15.21 -8.61 20.66
C SER B 115 14.08 -9.15 19.77
N LEU B 116 14.37 -9.31 18.48
CA LEU B 116 13.38 -9.79 17.53
C LEU B 116 13.02 -11.28 17.64
N ARG B 117 14.02 -12.14 17.76
CA ARG B 117 13.77 -13.58 17.81
C ARG B 117 13.48 -14.18 19.18
N TYR B 118 13.89 -13.50 20.24
CA TYR B 118 13.64 -14.02 21.60
C TYR B 118 12.87 -13.06 22.49
N SER B 119 12.56 -11.89 21.96
CA SER B 119 11.83 -10.88 22.72
C SER B 119 12.65 -10.49 23.94
N ASP B 120 13.96 -10.48 23.79
CA ASP B 120 14.86 -10.12 24.89
C ASP B 120 14.62 -8.66 25.28
N ASN B 121 14.28 -8.43 26.55
CA ASN B 121 14.01 -7.07 27.02
C ASN B 121 15.21 -6.15 27.16
N THR B 122 16.33 -6.67 27.65
CA THR B 122 17.53 -5.85 27.79
C THR B 122 18.00 -5.39 26.42
N ALA B 123 17.94 -6.29 25.45
CA ALA B 123 18.36 -5.96 24.09
C ALA B 123 17.54 -4.77 23.58
N GLN B 124 16.22 -4.83 23.79
CA GLN B 124 15.35 -3.75 23.34
C GLN B 124 15.77 -2.43 23.96
N ASN B 125 15.99 -2.43 25.27
CA ASN B 125 16.38 -1.21 25.98
C ASN B 125 17.72 -0.67 25.48
N LEU B 126 18.68 -1.57 25.27
CA LEU B 126 20.00 -1.17 24.77
C LEU B 126 19.85 -0.52 23.39
N ILE B 127 19.04 -1.13 22.53
CA ILE B 127 18.83 -0.60 21.19
C ILE B 127 18.10 0.75 21.27
N LEU B 128 17.10 0.82 22.14
CA LEU B 128 16.31 2.04 22.34
C LEU B 128 17.23 3.20 22.70
N LYS B 129 18.18 2.93 23.59
CA LYS B 129 19.15 3.94 24.02
C LYS B 129 20.04 4.35 22.84
N GLN B 130 20.40 3.38 22.01
CA GLN B 130 21.25 3.65 20.86
C GLN B 130 20.59 4.63 19.89
N ILE B 131 19.26 4.56 19.76
CA ILE B 131 18.56 5.45 18.84
C ILE B 131 18.02 6.73 19.47
N GLY B 132 18.30 6.92 20.76
CA GLY B 132 17.88 8.14 21.43
C GLY B 132 16.81 8.05 22.50
N GLY B 133 16.23 6.87 22.69
CA GLY B 133 15.18 6.73 23.71
C GLY B 133 13.80 6.76 23.08
N PRO B 134 12.74 6.58 23.88
CA PRO B 134 11.36 6.59 23.39
C PRO B 134 10.97 7.83 22.58
N GLU B 135 11.39 9.00 23.04
CA GLU B 135 11.10 10.25 22.36
C GLU B 135 11.61 10.23 20.92
N SER B 136 12.83 9.74 20.74
CA SER B 136 13.42 9.67 19.40
C SER B 136 12.69 8.65 18.55
N LEU B 137 12.32 7.54 19.16
CA LEU B 137 11.60 6.50 18.42
C LEU B 137 10.28 7.07 17.92
N LYS B 138 9.58 7.79 18.79
CA LYS B 138 8.29 8.39 18.43
C LYS B 138 8.48 9.37 17.29
N LYS B 139 9.50 10.22 17.41
CA LYS B 139 9.82 11.22 16.41
C LYS B 139 10.05 10.62 15.03
N GLU B 140 10.81 9.53 14.99
CA GLU B 140 11.12 8.85 13.73
C GLU B 140 9.86 8.21 13.14
N LEU B 141 9.01 7.66 14.01
CA LEU B 141 7.77 7.03 13.56
C LEU B 141 6.86 8.11 12.99
N ARG B 142 6.87 9.29 13.62
CA ARG B 142 6.06 10.40 13.14
C ARG B 142 6.58 10.80 11.76
N LYS B 143 7.89 10.71 11.60
CA LYS B 143 8.54 11.06 10.34
C LYS B 143 8.13 10.17 9.16
N ILE B 144 7.77 8.93 9.43
CA ILE B 144 7.37 8.01 8.38
C ILE B 144 5.86 7.94 8.17
N GLY B 145 5.11 8.78 8.87
CA GLY B 145 3.68 8.79 8.71
C GLY B 145 2.88 8.21 9.87
N ASP B 146 3.55 7.62 10.84
CA ASP B 146 2.85 7.04 11.98
C ASP B 146 2.54 8.11 13.02
N GLU B 147 1.28 8.52 13.06
CA GLU B 147 0.82 9.54 13.98
C GLU B 147 0.09 8.98 15.19
N VAL B 148 0.01 7.66 15.30
CA VAL B 148 -0.71 7.09 16.44
C VAL B 148 0.15 6.30 17.43
N THR B 149 1.11 5.53 16.94
CA THR B 149 1.97 4.75 17.84
C THR B 149 2.60 5.71 18.85
N ASN B 150 2.41 5.44 20.14
CA ASN B 150 2.90 6.34 21.18
C ASN B 150 3.86 5.70 22.18
N PRO B 151 5.15 5.55 21.79
CA PRO B 151 6.14 4.95 22.69
C PRO B 151 6.60 5.96 23.74
N GLU B 152 6.56 5.56 25.01
CA GLU B 152 6.97 6.44 26.08
C GLU B 152 7.97 5.82 27.05
N ARG B 153 7.96 4.50 27.17
CA ARG B 153 8.85 3.85 28.12
C ARG B 153 9.71 2.70 27.64
N PHE B 154 10.62 2.31 28.52
CA PHE B 154 11.53 1.20 28.28
C PHE B 154 10.85 -0.04 28.81
N GLU B 155 11.44 -1.19 28.52
CA GLU B 155 10.90 -2.45 29.02
C GLU B 155 11.41 -2.57 30.46
N PRO B 156 10.58 -3.10 31.37
CA PRO B 156 9.22 -3.61 31.19
C PRO B 156 8.13 -2.61 31.58
N GLU B 157 8.51 -1.37 31.87
CA GLU B 157 7.55 -0.35 32.28
C GLU B 157 6.45 -0.09 31.26
N LEU B 158 6.76 -0.28 29.98
CA LEU B 158 5.78 -0.05 28.93
C LEU B 158 4.55 -0.94 29.08
N ASN B 159 4.64 -1.94 29.96
CA ASN B 159 3.53 -2.85 30.20
C ASN B 159 2.53 -2.24 31.18
N GLU B 160 2.93 -1.15 31.84
CA GLU B 160 2.05 -0.49 32.80
C GLU B 160 1.09 0.45 32.09
N VAL B 161 0.09 -0.11 31.42
CA VAL B 161 -0.90 0.68 30.69
C VAL B 161 -2.30 0.34 31.18
N ASN B 162 -3.10 1.39 31.37
CA ASN B 162 -4.47 1.24 31.83
C ASN B 162 -5.46 1.72 30.78
N PRO B 163 -6.63 1.07 30.70
CA PRO B 163 -7.66 1.43 29.73
C PRO B 163 -7.94 2.93 29.73
N GLY B 164 -7.96 3.53 28.54
CA GLY B 164 -8.22 4.95 28.45
C GLY B 164 -6.97 5.76 28.20
N GLU B 165 -5.82 5.19 28.54
CA GLU B 165 -4.54 5.87 28.34
C GLU B 165 -3.98 5.50 26.98
N THR B 166 -3.21 6.42 26.39
CA THR B 166 -2.61 6.18 25.09
C THR B 166 -1.12 5.84 25.21
N GLN B 167 -0.55 6.00 26.40
CA GLN B 167 0.85 5.71 26.58
C GLN B 167 1.18 4.27 26.19
N ASP B 168 2.18 4.14 25.32
CA ASP B 168 2.64 2.83 24.84
C ASP B 168 1.55 1.99 24.20
N THR B 169 0.72 2.66 23.40
CA THR B 169 -0.36 1.99 22.66
C THR B 169 -0.24 2.38 21.17
N SER B 170 -0.97 1.65 20.35
CA SER B 170 -1.05 1.92 18.93
C SER B 170 -2.31 1.19 18.47
N THR B 171 -2.54 1.15 17.17
CA THR B 171 -3.69 0.47 16.61
C THR B 171 -3.19 -0.59 15.61
N ALA B 172 -4.06 -1.53 15.26
CA ALA B 172 -3.69 -2.56 14.29
C ALA B 172 -3.29 -1.90 12.97
N ARG B 173 -4.03 -0.87 12.58
CA ARG B 173 -3.73 -0.17 11.33
C ARG B 173 -2.36 0.50 11.36
N ALA B 174 -2.05 1.21 12.44
CA ALA B 174 -0.77 1.90 12.53
C ALA B 174 0.42 0.97 12.63
N LEU B 175 0.29 -0.09 13.42
CA LEU B 175 1.37 -1.04 13.58
C LEU B 175 1.64 -1.79 12.27
N ALA B 176 0.58 -2.21 11.58
CA ALA B 176 0.74 -2.91 10.31
C ALA B 176 1.39 -1.99 9.27
N THR B 177 0.93 -0.75 9.21
CA THR B 177 1.45 0.23 8.25
C THR B 177 2.89 0.62 8.52
N SER B 178 3.26 0.71 9.80
CA SER B 178 4.63 1.05 10.15
C SER B 178 5.55 -0.12 9.86
N LEU B 179 5.06 -1.35 10.04
CA LEU B 179 5.85 -2.53 9.75
C LEU B 179 6.11 -2.60 8.24
N GLN B 180 5.06 -2.36 7.46
CA GLN B 180 5.12 -2.36 6.00
C GLN B 180 6.12 -1.33 5.49
N ALA B 181 6.11 -0.15 6.10
CA ALA B 181 7.01 0.93 5.71
C ALA B 181 8.48 0.53 5.81
N PHE B 182 8.82 -0.19 6.87
CA PHE B 182 10.18 -0.62 7.10
C PHE B 182 10.58 -1.87 6.33
N ALA B 183 9.69 -2.86 6.34
CA ALA B 183 9.98 -4.13 5.70
C ALA B 183 9.72 -4.22 4.19
N LEU B 184 8.70 -3.51 3.71
CA LEU B 184 8.35 -3.59 2.30
C LEU B 184 8.50 -2.32 1.49
N GLU B 185 8.57 -1.17 2.14
CA GLU B 185 8.68 0.08 1.40
C GLU B 185 10.08 0.62 1.38
N ASP B 186 10.24 1.74 0.69
CA ASP B 186 11.52 2.42 0.53
C ASP B 186 12.00 3.21 1.74
N LYS B 187 11.61 2.79 2.95
CA LYS B 187 12.05 3.50 4.14
C LYS B 187 13.46 3.00 4.50
N LEU B 188 13.78 1.81 4.01
CA LEU B 188 15.08 1.20 4.27
C LEU B 188 15.63 0.59 2.96
N PRO B 189 16.95 0.70 2.73
CA PRO B 189 17.50 0.13 1.49
C PRO B 189 17.31 -1.37 1.50
N SER B 190 17.07 -1.92 0.32
CA SER B 190 16.85 -3.35 0.17
C SER B 190 17.72 -4.17 1.10
N GLU B 191 18.99 -3.79 1.17
CA GLU B 191 19.95 -4.49 2.01
C GLU B 191 19.51 -4.60 3.47
N LYS B 192 19.06 -3.49 4.04
CA LYS B 192 18.64 -3.50 5.44
C LYS B 192 17.27 -4.11 5.62
N ARG B 193 16.43 -4.04 4.58
CA ARG B 193 15.10 -4.59 4.65
C ARG B 193 15.13 -6.11 4.78
N GLU B 194 16.07 -6.76 4.08
CA GLU B 194 16.15 -8.22 4.16
C GLU B 194 16.79 -8.68 5.45
N LEU B 195 17.45 -7.76 6.14
CA LEU B 195 18.06 -8.08 7.42
C LEU B 195 16.90 -8.18 8.42
N LEU B 196 16.03 -7.19 8.37
CA LEU B 196 14.86 -7.15 9.24
C LEU B 196 13.96 -8.34 8.96
N ILE B 197 13.64 -8.57 7.69
CA ILE B 197 12.77 -9.69 7.33
C ILE B 197 13.36 -11.03 7.77
N ASP B 198 14.67 -11.18 7.60
CA ASP B 198 15.35 -12.42 7.98
C ASP B 198 15.21 -12.73 9.47
N TRP B 199 15.44 -11.73 10.32
CA TRP B 199 15.32 -11.94 11.76
C TRP B 199 13.89 -12.35 12.10
N MET B 200 12.94 -11.57 11.61
CA MET B 200 11.52 -11.83 11.87
C MET B 200 11.05 -13.15 11.30
N LYS B 201 11.58 -13.54 10.14
CA LYS B 201 11.20 -14.81 9.56
C LYS B 201 11.64 -15.93 10.50
N ARG B 202 12.75 -15.71 11.19
CA ARG B 202 13.29 -16.71 12.10
C ARG B 202 12.89 -16.53 13.54
N ASN B 203 11.80 -15.79 13.77
CA ASN B 203 11.31 -15.58 15.13
C ASN B 203 11.00 -16.93 15.79
N THR B 204 11.38 -17.07 17.05
CA THR B 204 11.16 -18.32 17.78
C THR B 204 9.92 -18.32 18.68
N THR B 205 9.27 -17.17 18.82
CA THR B 205 8.13 -17.04 19.71
C THR B 205 6.70 -17.05 19.13
N GLY B 206 6.52 -17.16 17.82
CA GLY B 206 5.17 -17.12 17.30
C GLY B 206 4.59 -18.34 16.60
N ASP B 207 4.98 -19.53 16.99
CA ASP B 207 4.46 -20.72 16.31
C ASP B 207 2.98 -20.99 16.52
N ALA B 208 2.45 -20.58 17.67
CA ALA B 208 1.04 -20.80 17.99
C ALA B 208 0.13 -19.61 17.71
N LEU B 209 0.67 -18.58 17.08
CA LEU B 209 -0.12 -17.39 16.76
C LEU B 209 -0.46 -17.33 15.26
N ILE B 210 -0.11 -16.24 14.60
CA ILE B 210 -0.41 -16.10 13.17
C ILE B 210 0.10 -17.31 12.38
N ARG B 211 1.31 -17.77 12.72
CA ARG B 211 1.92 -18.91 12.04
C ARG B 211 1.06 -20.15 12.12
N ALA B 212 0.30 -20.27 13.20
CA ALA B 212 -0.57 -21.42 13.38
C ALA B 212 -1.88 -21.28 12.61
N GLY B 213 -2.16 -20.07 12.13
CA GLY B 213 -3.40 -19.84 11.39
C GLY B 213 -3.22 -19.61 9.91
N VAL B 214 -2.01 -19.88 9.42
CA VAL B 214 -1.71 -19.69 8.01
C VAL B 214 -1.61 -21.06 7.32
N PRO B 215 -1.95 -21.13 6.02
CA PRO B 215 -1.88 -22.41 5.32
C PRO B 215 -0.45 -22.87 5.10
N GLU B 216 -0.26 -24.17 4.86
CA GLU B 216 1.07 -24.68 4.62
C GLU B 216 1.57 -24.11 3.31
N GLY B 217 2.86 -23.75 3.27
CA GLY B 217 3.42 -23.17 2.07
C GLY B 217 3.53 -21.66 2.20
N TRP B 218 2.96 -21.13 3.27
CA TRP B 218 2.98 -19.69 3.51
C TRP B 218 4.12 -19.34 4.44
N GLU B 219 4.91 -18.35 4.04
CA GLU B 219 6.05 -17.87 4.80
C GLU B 219 5.61 -16.75 5.72
N VAL B 220 6.11 -16.74 6.96
CA VAL B 220 5.75 -15.69 7.92
C VAL B 220 6.95 -15.02 8.59
N ALA B 221 6.90 -13.69 8.65
CA ALA B 221 7.92 -12.89 9.32
C ALA B 221 7.10 -12.15 10.38
N ASP B 222 7.24 -12.51 11.66
CA ASP B 222 6.45 -11.85 12.70
C ASP B 222 7.16 -11.46 14.00
N LYS B 223 6.48 -10.66 14.80
CA LYS B 223 6.97 -10.26 16.11
C LYS B 223 5.76 -10.29 17.02
N THR B 224 5.84 -11.14 18.05
CA THR B 224 4.75 -11.30 19.00
C THR B 224 4.88 -10.33 20.19
N GLY B 225 3.85 -10.34 21.04
CA GLY B 225 3.86 -9.47 22.20
C GLY B 225 2.75 -9.90 23.13
N ALA B 226 2.91 -9.61 24.41
CA ALA B 226 1.91 -9.93 25.41
C ALA B 226 2.07 -8.92 26.52
N GLY B 227 1.01 -8.70 27.29
CA GLY B 227 1.11 -7.73 28.36
C GLY B 227 -0.09 -7.78 29.29
N SER B 228 -0.23 -6.75 30.11
CA SER B 228 -1.32 -6.67 31.08
C SER B 228 -2.67 -6.56 30.41
N TYR B 229 -3.71 -6.92 31.15
CA TYR B 229 -5.08 -6.93 30.66
C TYR B 229 -5.23 -7.97 29.56
N GLY B 230 -4.51 -9.09 29.73
CA GLY B 230 -4.56 -10.17 28.78
C GLY B 230 -4.26 -9.75 27.35
N THR B 231 -3.35 -8.80 27.18
CA THR B 231 -2.98 -8.34 25.85
C THR B 231 -2.14 -9.39 25.14
N ARG B 232 -2.52 -9.73 23.91
CA ARG B 232 -1.79 -10.72 23.12
C ARG B 232 -1.78 -10.24 21.67
N ASN B 233 -0.60 -9.86 21.19
CA ASN B 233 -0.47 -9.32 19.85
C ASN B 233 0.48 -10.11 18.98
N ASP B 234 0.37 -9.87 17.68
CA ASP B 234 1.25 -10.47 16.69
C ASP B 234 1.14 -9.65 15.41
N ILE B 235 2.26 -9.12 14.94
CA ILE B 235 2.25 -8.35 13.71
C ILE B 235 3.16 -9.12 12.76
N ALA B 236 2.77 -9.18 11.49
CA ALA B 236 3.54 -9.94 10.53
C ALA B 236 3.40 -9.56 9.07
N ILE B 237 4.29 -10.12 8.26
CA ILE B 237 4.27 -9.96 6.82
C ILE B 237 4.17 -11.42 6.43
N ILE B 238 3.18 -11.77 5.63
CA ILE B 238 2.98 -13.15 5.20
C ILE B 238 3.14 -13.28 3.70
N TRP B 239 3.81 -14.32 3.25
CA TRP B 239 4.02 -14.54 1.82
C TRP B 239 3.31 -15.80 1.38
N PRO B 240 2.24 -15.66 0.57
CA PRO B 240 1.57 -16.87 0.12
C PRO B 240 2.47 -17.50 -0.94
N PRO B 241 2.23 -18.77 -1.30
CA PRO B 241 3.06 -19.43 -2.31
C PRO B 241 3.15 -18.56 -3.56
N LYS B 242 2.00 -18.29 -4.14
CA LYS B 242 1.95 -17.46 -5.34
C LYS B 242 1.35 -16.11 -4.96
N GLY B 243 2.14 -15.04 -5.04
CA GLY B 243 1.60 -13.74 -4.72
C GLY B 243 2.45 -12.75 -3.92
N ASP B 244 1.93 -11.53 -3.83
CA ASP B 244 2.59 -10.45 -3.11
C ASP B 244 2.31 -10.65 -1.62
N PRO B 245 3.13 -10.02 -0.77
CA PRO B 245 2.94 -10.16 0.68
C PRO B 245 1.68 -9.52 1.24
N VAL B 246 1.24 -10.07 2.35
CA VAL B 246 0.07 -9.58 3.07
C VAL B 246 0.61 -9.04 4.40
N VAL B 247 0.34 -7.78 4.71
CA VAL B 247 0.79 -7.23 5.99
C VAL B 247 -0.39 -7.44 6.94
N LEU B 248 -0.11 -7.99 8.11
CA LEU B 248 -1.18 -8.25 9.06
C LEU B 248 -0.82 -7.92 10.50
N ALA B 249 -1.76 -7.29 11.19
CA ALA B 249 -1.61 -6.94 12.60
C ALA B 249 -2.82 -7.51 13.32
N VAL B 250 -2.59 -8.37 14.29
CA VAL B 250 -3.67 -8.93 15.07
C VAL B 250 -3.38 -8.59 16.53
N LEU B 251 -4.23 -7.74 17.11
CA LEU B 251 -4.08 -7.34 18.52
C LEU B 251 -5.27 -7.79 19.32
N SER B 252 -5.08 -8.01 20.61
CA SER B 252 -6.17 -8.44 21.47
C SER B 252 -5.92 -8.06 22.91
N SER B 253 -7.01 -7.93 23.66
CA SER B 253 -6.94 -7.58 25.07
C SER B 253 -8.23 -7.99 25.75
N ARG B 254 -8.20 -8.06 27.07
CA ARG B 254 -9.38 -8.43 27.85
C ARG B 254 -9.63 -7.30 28.84
N ASP B 255 -10.72 -7.40 29.60
CA ASP B 255 -11.08 -6.33 30.53
C ASP B 255 -10.44 -6.40 31.92
N LYS B 256 -9.92 -7.56 32.29
CA LYS B 256 -9.29 -7.69 33.60
C LYS B 256 -7.78 -7.50 33.51
N LYS B 257 -7.23 -6.67 34.40
CA LYS B 257 -5.80 -6.41 34.40
C LYS B 257 -4.97 -7.67 34.47
N ASP B 258 -5.41 -8.63 35.28
CA ASP B 258 -4.69 -9.89 35.44
C ASP B 258 -5.28 -10.99 34.56
N ALA B 259 -6.07 -10.59 33.58
CA ALA B 259 -6.70 -11.54 32.66
C ALA B 259 -5.63 -12.36 31.96
N LYS B 260 -5.94 -13.62 31.72
CA LYS B 260 -5.04 -14.54 31.03
C LYS B 260 -5.36 -14.52 29.54
N TYR B 261 -4.33 -14.55 28.70
CA TYR B 261 -4.59 -14.56 27.27
C TYR B 261 -4.53 -15.98 26.73
N ASP B 262 -5.01 -16.16 25.51
CA ASP B 262 -5.03 -17.46 24.85
C ASP B 262 -4.56 -17.27 23.42
N ASP B 263 -3.46 -17.93 23.08
CA ASP B 263 -2.90 -17.85 21.74
C ASP B 263 -3.87 -18.32 20.66
N LYS B 264 -4.74 -19.26 21.00
CA LYS B 264 -5.71 -19.79 20.03
C LYS B 264 -6.57 -18.70 19.40
N LEU B 265 -6.79 -17.62 20.14
CA LEU B 265 -7.60 -16.52 19.62
C LEU B 265 -6.94 -15.89 18.40
N ILE B 266 -5.63 -15.68 18.45
CA ILE B 266 -4.92 -15.07 17.34
C ILE B 266 -4.81 -16.02 16.15
N ALA B 267 -4.59 -17.30 16.43
CA ALA B 267 -4.49 -18.29 15.38
C ALA B 267 -5.82 -18.36 14.64
N GLU B 268 -6.90 -18.42 15.41
CA GLU B 268 -8.25 -18.49 14.85
C GLU B 268 -8.62 -17.22 14.08
N ALA B 269 -8.25 -16.06 14.61
CA ALA B 269 -8.54 -14.81 13.94
C ALA B 269 -7.79 -14.76 12.62
N THR B 270 -6.58 -15.32 12.60
CA THR B 270 -5.78 -15.34 11.38
C THR B 270 -6.43 -16.20 10.30
N LYS B 271 -7.02 -17.32 10.69
CA LYS B 271 -7.66 -18.20 9.72
C LYS B 271 -8.80 -17.47 9.01
N VAL B 272 -9.55 -16.65 9.75
CA VAL B 272 -10.65 -15.88 9.18
C VAL B 272 -10.11 -14.86 8.17
N VAL B 273 -9.03 -14.18 8.53
CA VAL B 273 -8.41 -13.18 7.67
C VAL B 273 -8.01 -13.82 6.34
N LEU B 274 -7.42 -15.02 6.41
CA LEU B 274 -6.99 -15.74 5.22
C LEU B 274 -8.18 -16.08 4.33
N LYS B 275 -9.22 -16.67 4.91
CA LYS B 275 -10.41 -17.03 4.15
C LYS B 275 -10.93 -15.78 3.46
N ALA B 276 -10.99 -14.69 4.22
CA ALA B 276 -11.47 -13.43 3.70
C ALA B 276 -10.62 -13.00 2.50
N LEU B 277 -9.32 -13.25 2.59
CA LEU B 277 -8.41 -12.91 1.50
C LEU B 277 -8.23 -14.15 0.61
#